data_2AUN
#
_entry.id   2AUN
#
_cell.length_a   52.430
_cell.length_b   78.012
_cell.length_c   71.257
_cell.angle_alpha   90.00
_cell.angle_beta   104.19
_cell.angle_gamma   90.00
#
_symmetry.space_group_name_H-M   'P 1 21 1'
#
loop_
_entity.id
_entity.type
_entity.pdbx_description
1 polymer 'hypothetical protein'
2 water water
#
_entity_poly.entity_id   1
_entity_poly.type   'polypeptide(L)'
_entity_poly.pdbx_seq_one_letter_code
;MGHHHHHHEFMTSRPSSDQTWQPIDGRVALIAPASAIATEVLEATLRQLEVHGVDYHLGRHVEARYRYLAGTVEQRLEDL
HNAFDMPDITAVWCLRGGYGCGQLLPGLDWGRLEAASPRPLIGFSDISVLLSAFHRHGLPAIHGPVATGLGLSPLSAPRE
QQERLASLASVSRLLAGIDHELPVQHLGGHKQRVEGALIGGNLTALACMAGTLGGLHAPAGSILVLEDVGEPYYRLERSL
WQLLESIDARQLGAICLGSFTDCPRKEVAHSLERIFGEYAAAIEVPLYHHLPSGAGAQNRAWPYGKTAVLEGNRLRW
;
_entity_poly.pdbx_strand_id   A,B
#
# COMPACT_ATOMS: atom_id res chain seq x y z
N PRO A 15 34.72 9.84 -25.63
CA PRO A 15 33.92 8.63 -25.26
C PRO A 15 34.61 7.79 -24.20
N SER A 16 33.83 7.18 -23.32
CA SER A 16 34.41 6.29 -22.32
C SER A 16 33.49 5.10 -22.10
N SER A 17 34.06 4.07 -21.52
CA SER A 17 33.33 2.84 -21.20
C SER A 17 32.28 3.20 -20.16
N ASP A 18 31.15 2.49 -20.17
CA ASP A 18 30.15 2.68 -19.13
C ASP A 18 30.65 2.35 -17.73
N GLN A 19 31.75 1.62 -17.58
CA GLN A 19 32.30 1.38 -16.23
C GLN A 19 33.17 2.52 -15.71
N THR A 20 33.46 3.50 -16.55
CA THR A 20 34.37 4.59 -16.19
C THR A 20 33.64 5.73 -15.50
N TRP A 21 34.03 6.02 -14.26
CA TRP A 21 33.47 7.14 -13.52
C TRP A 21 33.97 8.46 -14.02
N GLN A 22 33.16 9.50 -13.79
CA GLN A 22 33.61 10.88 -13.94
C GLN A 22 33.95 11.46 -12.59
N PRO A 23 34.92 12.38 -12.52
CA PRO A 23 35.19 13.05 -11.25
C PRO A 23 33.93 13.72 -10.68
N ILE A 24 33.81 13.72 -9.35
CA ILE A 24 32.77 14.52 -8.66
C ILE A 24 33.49 15.61 -7.89
N ASP A 25 33.27 16.87 -8.26
CA ASP A 25 33.88 17.99 -7.55
C ASP A 25 33.04 18.37 -6.33
N GLY A 26 33.69 19.03 -5.37
CA GLY A 26 33.07 19.38 -4.10
C GLY A 26 32.89 18.14 -3.26
N ARG A 27 31.88 18.21 -2.41
CA ARG A 27 31.70 17.21 -1.37
C ARG A 27 30.31 16.58 -1.50
N VAL A 28 30.24 15.25 -1.39
CA VAL A 28 28.98 14.50 -1.42
C VAL A 28 28.53 14.24 0.03
N ALA A 29 27.34 14.76 0.37
CA ALA A 29 26.69 14.46 1.61
C ALA A 29 26.06 13.09 1.56
N LEU A 30 26.45 12.23 2.48
CA LEU A 30 25.87 10.90 2.62
C LEU A 30 24.89 10.96 3.78
N ILE A 31 23.64 10.58 3.53
CA ILE A 31 22.61 10.58 4.57
C ILE A 31 21.81 9.29 4.48
N ALA A 32 21.09 8.98 5.55
CA ALA A 32 20.33 7.72 5.65
C ALA A 32 18.92 8.04 6.09
N PRO A 33 18.04 8.46 5.18
CA PRO A 33 16.71 8.96 5.57
C PRO A 33 15.65 7.87 5.72
N ALA A 34 16.03 6.62 5.44
CA ALA A 34 15.09 5.49 5.44
C ALA A 34 15.61 4.39 6.34
N SER A 35 16.02 3.24 5.82
CA SER A 35 16.43 2.11 6.65
C SER A 35 17.86 2.22 7.14
N ALA A 36 18.11 1.51 8.22
CA ALA A 36 19.41 1.53 8.88
C ALA A 36 20.49 0.83 8.04
N ILE A 37 21.75 1.17 8.32
CA ILE A 37 22.92 0.85 7.49
C ILE A 37 23.80 -0.13 8.25
N ALA A 38 24.26 -1.20 7.61
CA ALA A 38 25.20 -2.15 8.23
C ALA A 38 26.59 -1.54 8.25
N THR A 39 27.36 -1.76 9.31
CA THR A 39 28.62 -1.07 9.49
C THR A 39 29.64 -1.47 8.42
N GLU A 40 29.74 -2.75 8.12
CA GLU A 40 30.74 -3.23 7.17
C GLU A 40 30.43 -2.73 5.76
N VAL A 41 29.13 -2.70 5.43
CA VAL A 41 28.73 -2.25 4.10
C VAL A 41 29.07 -0.77 3.97
N LEU A 42 28.84 0.00 5.04
CA LEU A 42 29.20 1.40 5.08
C LEU A 42 30.71 1.55 4.84
N GLU A 43 31.52 0.72 5.50
CA GLU A 43 32.97 0.89 5.40
C GLU A 43 33.45 0.63 3.99
N ALA A 44 32.95 -0.43 3.36
CA ALA A 44 33.29 -0.79 1.99
C ALA A 44 32.81 0.30 1.02
N THR A 45 31.68 0.92 1.34
CA THR A 45 31.16 2.02 0.53
C THR A 45 32.15 3.16 0.49
N LEU A 46 32.62 3.57 1.68
CA LEU A 46 33.54 4.68 1.85
C LEU A 46 34.88 4.40 1.17
N ARG A 47 35.31 3.13 1.16
CA ARG A 47 36.58 2.79 0.54
C ARG A 47 36.46 2.92 -0.98
N GLN A 48 35.32 2.54 -1.55
CA GLN A 48 35.11 2.71 -2.98
C GLN A 48 35.02 4.19 -3.33
N LEU A 49 34.37 5.00 -2.51
CA LEU A 49 34.35 6.43 -2.77
C LEU A 49 35.78 7.01 -2.80
N GLU A 50 36.62 6.53 -1.87
CA GLU A 50 37.99 6.99 -1.75
C GLU A 50 38.79 6.52 -2.97
N VAL A 51 38.55 5.29 -3.44
CA VAL A 51 39.24 4.77 -4.63
C VAL A 51 38.95 5.70 -5.81
N HIS A 52 37.73 6.26 -5.87
CA HIS A 52 37.32 7.12 -6.97
C HIS A 52 37.57 8.62 -6.72
N GLY A 53 38.24 8.95 -5.63
CA GLY A 53 38.59 10.33 -5.35
C GLY A 53 37.40 11.22 -5.01
N VAL A 54 36.37 10.64 -4.39
CA VAL A 54 35.16 11.38 -4.05
C VAL A 54 35.26 11.79 -2.59
N ASP A 55 35.21 13.10 -2.36
CA ASP A 55 35.19 13.69 -1.02
C ASP A 55 33.76 13.58 -0.51
N TYR A 56 33.59 13.02 0.67
CA TYR A 56 32.26 12.83 1.25
C TYR A 56 32.17 13.40 2.67
N HIS A 57 30.93 13.57 3.12
CA HIS A 57 30.61 13.93 4.49
C HIS A 57 29.51 12.98 4.95
N LEU A 58 29.73 12.24 6.04
CA LEU A 58 28.71 11.38 6.64
C LEU A 58 27.89 12.19 7.62
N GLY A 59 26.57 12.08 7.50
CA GLY A 59 25.67 12.64 8.47
C GLY A 59 25.94 12.10 9.87
N ARG A 60 25.75 12.97 10.86
CA ARG A 60 26.01 12.64 12.26
C ARG A 60 25.24 11.40 12.73
N HIS A 61 24.08 11.16 12.13
CA HIS A 61 23.20 10.06 12.54
C HIS A 61 23.09 8.90 11.58
N VAL A 62 23.98 8.80 10.59
CA VAL A 62 23.83 7.73 9.60
C VAL A 62 23.97 6.30 10.15
N GLU A 63 24.57 6.16 11.32
CA GLU A 63 24.68 4.84 11.94
C GLU A 63 23.63 4.61 13.03
N ALA A 64 22.69 5.55 13.19
CA ALA A 64 21.60 5.38 14.16
C ALA A 64 20.68 4.21 13.77
N ARG A 65 20.12 3.60 14.80
CA ARG A 65 19.13 2.55 14.64
C ARG A 65 17.94 2.88 15.54
N TYR A 66 16.75 2.76 14.98
CA TYR A 66 15.51 2.86 15.74
C TYR A 66 14.60 1.86 15.05
N ARG A 67 14.43 0.70 15.65
CA ARG A 67 14.00 -0.50 14.94
C ARG A 67 14.75 -0.60 13.58
N TYR A 68 14.06 -0.84 12.48
CA TYR A 68 14.69 -0.97 11.17
C TYR A 68 15.03 0.37 10.51
N LEU A 69 14.58 1.46 11.10
CA LEU A 69 14.83 2.83 10.59
C LEU A 69 16.20 3.31 10.98
N ALA A 70 16.80 4.17 10.16
CA ALA A 70 18.08 4.81 10.49
C ALA A 70 17.91 5.98 11.48
N GLY A 71 17.47 5.66 12.71
CA GLY A 71 17.22 6.67 13.74
C GLY A 71 15.80 7.20 13.71
N THR A 72 15.51 8.12 14.64
CA THR A 72 14.22 8.77 14.71
C THR A 72 14.03 9.73 13.56
N VAL A 73 12.78 10.12 13.37
CA VAL A 73 12.46 11.20 12.45
C VAL A 73 13.28 12.46 12.73
N GLU A 74 13.41 12.83 13.99
CA GLU A 74 14.16 14.04 14.33
C GLU A 74 15.64 13.90 13.93
N GLN A 75 16.25 12.74 14.20
CA GLN A 75 17.66 12.48 13.82
C GLN A 75 17.85 12.53 12.31
N ARG A 76 16.95 11.92 11.56
CA ARG A 76 17.10 11.90 10.10
C ARG A 76 16.85 13.30 9.53
N LEU A 77 15.92 14.06 10.12
CA LEU A 77 15.69 15.42 9.66
C LEU A 77 16.89 16.30 9.92
N GLU A 78 17.56 16.07 11.05
CA GLU A 78 18.73 16.84 11.35
C GLU A 78 19.79 16.62 10.28
N ASP A 79 20.03 15.36 9.89
CA ASP A 79 21.03 15.08 8.84
C ASP A 79 20.63 15.61 7.48
N LEU A 80 19.35 15.53 7.14
CA LEU A 80 18.91 15.97 5.82
C LEU A 80 19.05 17.50 5.75
N HIS A 81 18.55 18.17 6.78
CA HIS A 81 18.70 19.62 6.85
C HIS A 81 20.17 20.03 6.82
N ASN A 82 21.03 19.32 7.53
CA ASN A 82 22.46 19.65 7.56
C ASN A 82 23.13 19.52 6.19
N ALA A 83 22.68 18.56 5.38
CA ALA A 83 23.19 18.37 4.03
C ALA A 83 22.94 19.60 3.15
N PHE A 84 21.89 20.37 3.48
CA PHE A 84 21.54 21.63 2.79
C PHE A 84 22.10 22.89 3.45
N ASP A 85 22.48 22.79 4.73
CA ASP A 85 23.17 23.90 5.41
C ASP A 85 24.64 24.03 5.08
N MET A 86 25.33 22.93 4.77
CA MET A 86 26.78 22.97 4.55
C MET A 86 27.08 23.56 3.17
N PRO A 87 27.82 24.66 3.08
CA PRO A 87 28.02 25.30 1.77
C PRO A 87 28.77 24.52 0.67
N ASP A 88 29.64 23.55 1.01
CA ASP A 88 30.45 22.89 -0.05
C ASP A 88 29.87 21.59 -0.61
N ILE A 89 28.64 21.27 -0.24
CA ILE A 89 28.05 20.02 -0.71
C ILE A 89 27.47 20.20 -2.11
N THR A 90 27.85 19.32 -3.04
CA THR A 90 27.38 19.39 -4.42
C THR A 90 26.42 18.24 -4.85
N ALA A 91 26.26 17.22 -4.00
CA ALA A 91 25.29 16.16 -4.22
C ALA A 91 24.92 15.55 -2.89
N VAL A 92 23.70 15.02 -2.78
CA VAL A 92 23.23 14.38 -1.54
C VAL A 92 22.87 12.95 -1.92
N TRP A 93 23.74 12.00 -1.56
CA TRP A 93 23.61 10.63 -2.01
C TRP A 93 23.09 9.77 -0.89
N CYS A 94 21.84 9.30 -1.02
CA CYS A 94 21.21 8.55 0.02
C CYS A 94 21.86 7.16 0.11
N LEU A 95 22.13 6.75 1.34
CA LEU A 95 22.90 5.52 1.55
C LEU A 95 22.11 4.25 1.31
N ARG A 96 20.83 4.25 1.69
CA ARG A 96 19.97 3.08 1.56
C ARG A 96 18.53 3.54 1.44
N GLY A 97 17.73 2.74 0.74
CA GLY A 97 16.29 2.91 0.69
C GLY A 97 15.69 2.02 1.76
N GLY A 98 14.85 1.09 1.32
CA GLY A 98 14.18 0.20 2.25
C GLY A 98 12.82 0.78 2.65
N TYR A 99 12.78 1.42 3.81
CA TYR A 99 11.54 2.10 4.27
C TYR A 99 11.86 3.26 5.21
N GLY A 100 11.17 4.40 5.03
CA GLY A 100 11.12 5.42 6.05
C GLY A 100 11.24 6.87 5.65
N CYS A 101 11.66 7.17 4.43
CA CYS A 101 11.90 8.58 4.15
C CYS A 101 10.64 9.41 4.06
N GLY A 102 9.48 8.80 3.75
CA GLY A 102 8.24 9.56 3.75
C GLY A 102 7.91 10.15 5.10
N GLN A 103 8.39 9.49 6.14
CA GLN A 103 8.14 9.98 7.50
C GLN A 103 8.73 11.37 7.73
N LEU A 104 9.71 11.78 6.93
CA LEU A 104 10.37 13.08 7.09
C LEU A 104 9.60 14.22 6.49
N LEU A 105 8.63 13.93 5.65
CA LEU A 105 7.96 14.98 4.91
C LEU A 105 7.22 16.01 5.79
N PRO A 106 6.46 15.61 6.80
CA PRO A 106 5.78 16.62 7.64
C PRO A 106 6.70 17.69 8.25
N GLY A 107 7.92 17.33 8.62
CA GLY A 107 8.81 18.27 9.29
C GLY A 107 9.87 18.90 8.43
N LEU A 108 9.91 18.57 7.14
CA LEU A 108 10.93 19.06 6.26
C LEU A 108 10.76 20.56 6.00
N ASP A 109 11.84 21.30 6.17
CA ASP A 109 11.84 22.76 5.94
C ASP A 109 12.25 23.02 4.48
N TRP A 110 11.25 23.16 3.62
CA TRP A 110 11.48 23.34 2.19
C TRP A 110 12.24 24.62 1.87
N GLY A 111 11.93 25.69 2.62
CA GLY A 111 12.62 26.98 2.46
C GLY A 111 14.13 26.85 2.65
N ARG A 112 14.52 26.08 3.64
CA ARG A 112 15.93 25.82 3.96
C ARG A 112 16.60 25.03 2.83
N LEU A 113 15.90 24.03 2.29
CA LEU A 113 16.45 23.28 1.16
C LEU A 113 16.61 24.13 -0.11
N GLU A 114 15.58 24.93 -0.40
CA GLU A 114 15.51 25.75 -1.62
C GLU A 114 16.54 26.88 -1.59
N ALA A 115 16.84 27.37 -0.40
CA ALA A 115 17.85 28.42 -0.21
C ALA A 115 19.27 27.99 -0.57
N ALA A 116 19.57 26.68 -0.50
CA ALA A 116 20.91 26.18 -0.73
C ALA A 116 21.27 26.09 -2.20
N SER A 117 22.56 26.14 -2.51
CA SER A 117 23.02 25.99 -3.88
C SER A 117 22.66 24.58 -4.40
N PRO A 118 22.53 24.38 -5.71
CA PRO A 118 22.06 23.09 -6.26
C PRO A 118 22.92 21.91 -5.83
N ARG A 119 22.26 20.85 -5.37
CA ARG A 119 22.93 19.64 -4.92
C ARG A 119 21.93 18.47 -5.12
N PRO A 120 21.99 17.81 -6.27
CA PRO A 120 21.01 16.75 -6.56
C PRO A 120 20.93 15.67 -5.48
N LEU A 121 19.69 15.26 -5.17
CA LEU A 121 19.42 14.15 -4.27
C LEU A 121 19.41 12.85 -5.10
N ILE A 122 20.14 11.83 -4.65
CA ILE A 122 20.29 10.59 -5.41
C ILE A 122 19.81 9.37 -4.62
N GLY A 123 19.05 8.51 -5.27
CA GLY A 123 18.70 7.22 -4.71
C GLY A 123 17.56 6.58 -5.51
N PHE A 124 17.07 5.46 -5.00
CA PHE A 124 15.94 4.74 -5.61
C PHE A 124 15.20 3.95 -4.56
N SER A 125 14.28 3.04 -4.98
CA SER A 125 13.56 2.25 -3.99
C SER A 125 12.72 3.25 -3.17
N ASP A 126 12.70 3.11 -1.84
CA ASP A 126 11.93 4.02 -0.97
C ASP A 126 12.28 5.52 -1.22
N ILE A 127 13.52 5.78 -1.64
CA ILE A 127 13.95 7.16 -1.85
C ILE A 127 13.12 7.82 -2.96
N SER A 128 12.48 7.02 -3.86
CA SER A 128 11.53 7.58 -4.84
C SER A 128 10.59 8.61 -4.24
N VAL A 129 10.13 8.37 -3.00
CA VAL A 129 9.22 9.27 -2.30
C VAL A 129 9.81 10.67 -2.15
N LEU A 130 11.07 10.73 -1.73
CA LEU A 130 11.75 12.00 -1.62
C LEU A 130 12.07 12.60 -2.99
N LEU A 131 12.41 11.77 -3.99
CA LEU A 131 12.66 12.30 -5.33
C LEU A 131 11.45 13.07 -5.84
N SER A 132 10.28 12.47 -5.68
CA SER A 132 9.02 13.09 -6.07
C SER A 132 8.77 14.41 -5.31
N ALA A 133 8.96 14.40 -4.00
CA ALA A 133 8.75 15.63 -3.24
C ALA A 133 9.75 16.73 -3.64
N PHE A 134 10.97 16.33 -3.96
CA PHE A 134 11.97 17.30 -4.45
C PHE A 134 11.51 17.91 -5.77
N HIS A 135 11.04 17.08 -6.69
CA HIS A 135 10.53 17.56 -7.98
C HIS A 135 9.38 18.57 -7.74
N ARG A 136 8.44 18.25 -6.87
CA ARG A 136 7.33 19.18 -6.53
C ARG A 136 7.84 20.55 -6.06
N HIS A 137 9.00 20.57 -5.38
CA HIS A 137 9.57 21.81 -4.85
C HIS A 137 10.68 22.37 -5.73
N GLY A 138 10.77 21.88 -6.97
CA GLY A 138 11.73 22.39 -7.95
C GLY A 138 13.19 22.13 -7.61
N LEU A 139 13.48 21.04 -6.91
CA LEU A 139 14.85 20.70 -6.51
C LEU A 139 15.37 19.51 -7.32
N PRO A 140 16.63 19.56 -7.76
CA PRO A 140 17.17 18.50 -8.60
C PRO A 140 17.32 17.18 -7.87
N ALA A 141 17.09 16.21 -8.74
CA ALA A 141 17.14 14.85 -8.20
C ALA A 141 17.51 13.81 -9.25
N ILE A 142 18.12 12.74 -8.80
CA ILE A 142 18.53 11.67 -9.69
C ILE A 142 18.09 10.30 -9.19
N HIS A 143 17.47 9.53 -10.08
CA HIS A 143 17.03 8.21 -9.73
C HIS A 143 18.19 7.30 -10.12
N GLY A 144 18.81 6.70 -9.11
CA GLY A 144 19.93 5.82 -9.36
C GLY A 144 20.26 5.00 -8.13
N PRO A 145 21.29 4.08 -8.26
CA PRO A 145 21.77 3.32 -7.11
C PRO A 145 21.90 4.16 -5.83
N VAL A 146 21.56 3.57 -4.70
CA VAL A 146 21.92 4.14 -3.40
C VAL A 146 23.40 3.88 -3.15
N ALA A 147 24.00 4.68 -2.30
CA ALA A 147 25.45 4.66 -2.16
C ALA A 147 25.97 3.34 -1.63
N THR A 148 25.23 2.67 -0.74
CA THR A 148 25.71 1.37 -0.26
C THR A 148 25.80 0.28 -1.33
N GLY A 149 25.24 0.50 -2.51
CA GLY A 149 25.45 -0.42 -3.62
C GLY A 149 26.94 -0.54 -3.97
N LEU A 150 27.73 0.47 -3.62
CA LEU A 150 29.19 0.44 -3.83
C LEU A 150 29.92 -0.53 -2.91
N GLY A 151 29.36 -0.72 -1.72
CA GLY A 151 30.03 -1.43 -0.65
C GLY A 151 29.67 -2.90 -0.56
N LEU A 152 28.92 -3.41 -1.54
CA LEU A 152 28.46 -4.79 -1.54
C LEU A 152 29.55 -5.75 -2.02
N GLN A 162 29.58 -6.82 -14.28
CA GLN A 162 29.90 -5.69 -15.16
C GLN A 162 28.74 -4.70 -15.24
N GLU A 163 27.52 -5.22 -15.39
CA GLU A 163 26.29 -4.40 -15.40
C GLU A 163 26.14 -3.60 -14.09
N ARG A 164 26.40 -4.23 -12.96
CA ARG A 164 26.34 -3.53 -11.66
C ARG A 164 27.35 -2.39 -11.60
N LEU A 165 28.57 -2.64 -12.06
CA LEU A 165 29.58 -1.59 -12.03
C LEU A 165 29.22 -0.41 -12.94
N ALA A 166 28.65 -0.70 -14.10
CA ALA A 166 28.18 0.33 -15.00
C ALA A 166 27.06 1.13 -14.32
N SER A 167 26.18 0.44 -13.61
CA SER A 167 25.08 1.12 -12.89
C SER A 167 25.65 2.08 -11.83
N LEU A 168 26.64 1.64 -11.07
CA LEU A 168 27.23 2.51 -10.05
C LEU A 168 27.97 3.70 -10.64
N ALA A 169 28.71 3.48 -11.73
CA ALA A 169 29.40 4.54 -12.41
C ALA A 169 28.46 5.59 -13.01
N SER A 170 27.23 5.18 -13.32
CA SER A 170 26.30 6.07 -14.01
C SER A 170 25.90 7.27 -13.19
N VAL A 171 26.03 7.18 -11.86
CA VAL A 171 25.68 8.35 -11.02
C VAL A 171 26.65 9.53 -11.24
N SER A 172 27.94 9.29 -11.10
CA SER A 172 28.93 10.33 -11.36
C SER A 172 28.82 10.82 -12.80
N ARG A 173 28.55 9.91 -13.74
CA ARG A 173 28.47 10.26 -15.15
C ARG A 173 27.27 11.17 -15.45
N LEU A 174 26.14 10.91 -14.77
CA LEU A 174 24.98 11.74 -14.92
C LEU A 174 25.15 13.11 -14.22
N LEU A 175 25.74 13.15 -13.03
CA LEU A 175 26.03 14.43 -12.36
C LEU A 175 26.88 15.31 -13.26
N ALA A 176 27.77 14.70 -14.05
CA ALA A 176 28.67 15.42 -14.94
C ALA A 176 28.00 15.80 -16.26
N GLY A 177 26.84 15.21 -16.54
CA GLY A 177 26.03 15.56 -17.70
C GLY A 177 26.46 14.86 -18.99
N ILE A 178 27.19 13.74 -18.91
CA ILE A 178 27.72 13.12 -20.14
C ILE A 178 26.87 12.02 -20.72
N ASP A 179 25.93 11.49 -19.94
CA ASP A 179 25.03 10.46 -20.44
C ASP A 179 23.66 11.06 -20.67
N HIS A 180 23.02 10.63 -21.76
CA HIS A 180 21.77 11.29 -22.20
C HIS A 180 20.66 10.34 -22.66
N GLU A 181 20.88 9.03 -22.59
CA GLU A 181 19.89 8.09 -23.11
C GLU A 181 19.97 6.75 -22.44
N LEU A 182 18.83 6.04 -22.44
CA LEU A 182 18.72 4.65 -22.09
C LEU A 182 17.84 3.90 -23.12
N PRO A 183 18.10 2.61 -23.32
CA PRO A 183 17.27 1.76 -24.19
C PRO A 183 15.90 1.45 -23.57
N VAL A 184 14.88 1.37 -24.41
CA VAL A 184 13.54 0.90 -24.06
C VAL A 184 12.96 0.15 -25.26
N GLN A 185 11.81 -0.46 -25.05
CA GLN A 185 11.05 -1.12 -26.12
C GLN A 185 9.57 -0.79 -25.96
N HIS A 186 8.92 -0.36 -27.03
CA HIS A 186 7.48 -0.15 -27.04
C HIS A 186 6.75 -1.45 -26.76
N LEU A 187 5.69 -1.38 -25.94
CA LEU A 187 4.87 -2.55 -25.60
C LEU A 187 3.38 -2.40 -25.93
N GLY A 188 2.82 -1.21 -25.73
CA GLY A 188 1.39 -1.02 -25.99
C GLY A 188 1.04 0.43 -26.21
N GLY A 189 -0.13 0.66 -26.79
CA GLY A 189 -0.64 2.00 -27.07
C GLY A 189 0.03 2.64 -28.27
N HIS A 190 -0.17 3.94 -28.42
CA HIS A 190 0.31 4.63 -29.62
C HIS A 190 1.85 4.65 -29.64
N LYS A 191 2.40 4.86 -30.81
CA LYS A 191 3.84 4.77 -31.03
C LYS A 191 4.43 6.16 -31.27
N GLN A 192 3.66 7.22 -31.08
CA GLN A 192 4.19 8.57 -31.31
C GLN A 192 5.10 9.01 -30.17
N ARG A 193 5.97 9.96 -30.48
CA ARG A 193 6.85 10.60 -29.49
C ARG A 193 6.06 11.09 -28.28
N VAL A 194 6.64 10.83 -27.09
CA VAL A 194 6.14 11.38 -25.82
C VAL A 194 7.22 12.26 -25.20
N GLU A 195 6.86 13.48 -24.82
CA GLU A 195 7.78 14.39 -24.12
C GLU A 195 7.14 14.89 -22.81
N GLY A 196 7.85 14.71 -21.72
CA GLY A 196 7.37 15.14 -20.41
C GLY A 196 8.38 14.79 -19.34
N ALA A 197 8.05 15.20 -18.11
CA ALA A 197 8.94 15.07 -16.97
C ALA A 197 9.05 13.62 -16.60
N LEU A 198 10.26 13.18 -16.28
CA LEU A 198 10.50 11.79 -15.81
C LEU A 198 10.15 11.72 -14.35
N ILE A 199 9.23 10.84 -13.99
CA ILE A 199 8.76 10.72 -12.60
C ILE A 199 8.69 9.25 -12.28
N GLY A 200 8.50 8.93 -11.01
CA GLY A 200 8.22 7.58 -10.59
C GLY A 200 9.33 6.90 -9.84
N GLY A 201 9.55 5.62 -10.16
CA GLY A 201 10.46 4.78 -9.39
C GLY A 201 9.76 3.56 -8.89
N ASN A 202 9.87 3.27 -7.61
CA ASN A 202 9.35 2.03 -7.08
C ASN A 202 7.83 2.07 -6.91
N LEU A 203 7.14 1.16 -7.57
CA LEU A 203 5.69 1.14 -7.57
C LEU A 203 5.11 1.02 -6.18
N THR A 204 5.60 0.08 -5.40
CA THR A 204 5.05 -0.14 -4.05
C THR A 204 5.25 1.11 -3.16
N ALA A 205 6.46 1.64 -3.14
CA ALA A 205 6.77 2.79 -2.26
C ALA A 205 5.90 4.00 -2.59
N LEU A 206 5.68 4.27 -3.86
CA LEU A 206 4.85 5.41 -4.30
C LEU A 206 3.37 5.16 -4.03
N ALA A 207 2.87 3.97 -4.28
CA ALA A 207 1.47 3.64 -3.94
C ALA A 207 1.21 3.88 -2.43
N CYS A 208 2.21 3.57 -1.62
CA CYS A 208 2.13 3.72 -0.15
C CYS A 208 2.12 5.16 0.36
N MET A 209 2.27 6.15 -0.53
CA MET A 209 2.11 7.56 -0.17
C MET A 209 0.84 8.15 -0.72
N ALA A 210 0.06 7.39 -1.48
CA ALA A 210 -1.19 7.96 -2.00
C ALA A 210 -2.09 8.40 -0.84
N GLY A 211 -2.76 9.54 -1.00
CA GLY A 211 -3.66 10.06 0.03
C GLY A 211 -2.99 10.85 1.11
N THR A 212 -1.68 11.01 1.02
CA THR A 212 -0.87 11.75 1.98
C THR A 212 -0.19 12.97 1.37
N LEU A 213 0.39 13.80 2.25
CA LEU A 213 1.19 14.93 1.82
C LEU A 213 2.37 14.57 0.94
N GLY A 214 2.77 13.29 0.86
CA GLY A 214 3.88 12.82 0.03
C GLY A 214 3.47 12.08 -1.22
N GLY A 215 2.21 12.17 -1.60
CA GLY A 215 1.78 11.55 -2.85
C GLY A 215 2.59 11.96 -4.05
N LEU A 216 2.75 11.03 -5.01
CA LEU A 216 3.54 11.25 -6.24
C LEU A 216 3.15 12.57 -6.90
N HIS A 217 4.15 13.37 -7.20
CA HIS A 217 3.95 14.57 -7.98
C HIS A 217 3.91 14.10 -9.46
N ALA A 218 2.74 14.23 -10.10
CA ALA A 218 2.48 13.65 -11.44
C ALA A 218 1.82 14.66 -12.34
N PRO A 219 2.54 15.69 -12.71
CA PRO A 219 1.99 16.69 -13.63
C PRO A 219 1.62 16.11 -14.97
N ALA A 220 0.66 16.77 -15.62
CA ALA A 220 0.24 16.33 -16.95
C ALA A 220 1.41 16.14 -17.88
N GLY A 221 1.37 15.07 -18.68
CA GLY A 221 2.37 14.79 -19.67
C GLY A 221 3.58 14.01 -19.22
N SER A 222 3.65 13.70 -17.94
CA SER A 222 4.83 13.03 -17.39
C SER A 222 5.00 11.59 -17.93
N ILE A 223 6.26 11.16 -17.91
CA ILE A 223 6.64 9.78 -18.21
C ILE A 223 6.84 9.09 -16.85
N LEU A 224 5.80 8.32 -16.66
CA LEU A 224 5.82 7.60 -15.40
C LEU A 224 6.61 6.30 -15.44
N VAL A 225 7.74 6.29 -14.73
CA VAL A 225 8.56 5.10 -14.64
C VAL A 225 8.09 4.26 -13.45
N LEU A 226 7.98 2.94 -13.68
CA LEU A 226 7.56 2.00 -12.65
C LEU A 226 8.49 0.79 -12.60
N GLU A 227 8.78 0.34 -11.39
CA GLU A 227 9.65 -0.78 -11.17
C GLU A 227 9.36 -1.36 -9.80
N ASP A 228 9.72 -2.63 -9.59
CA ASP A 228 9.53 -3.26 -8.27
C ASP A 228 10.33 -4.54 -8.09
N VAL A 229 10.23 -5.12 -6.91
CA VAL A 229 11.00 -6.29 -6.58
C VAL A 229 10.23 -7.10 -5.54
N GLY A 230 10.37 -8.42 -5.63
CA GLY A 230 9.84 -9.41 -4.67
C GLY A 230 8.34 -9.37 -4.36
N GLU A 231 7.52 -9.10 -5.36
CA GLU A 231 6.08 -9.04 -5.19
C GLU A 231 5.35 -10.07 -6.06
N PRO A 232 4.33 -10.75 -5.53
CA PRO A 232 3.43 -11.54 -6.35
C PRO A 232 2.55 -10.61 -7.18
N TYR A 233 2.00 -11.14 -8.27
CA TYR A 233 1.31 -10.28 -9.22
C TYR A 233 0.13 -9.52 -8.59
N TYR A 234 -0.65 -10.15 -7.71
CA TYR A 234 -1.84 -9.46 -7.15
C TYR A 234 -1.42 -8.22 -6.35
N ARG A 235 -0.28 -8.27 -5.67
CA ARG A 235 0.18 -7.09 -4.90
C ARG A 235 0.63 -5.98 -5.83
N LEU A 236 1.24 -6.34 -6.97
CA LEU A 236 1.64 -5.36 -7.97
C LEU A 236 0.39 -4.70 -8.54
N GLU A 237 -0.62 -5.51 -8.87
CA GLU A 237 -1.85 -4.96 -9.42
C GLU A 237 -2.55 -4.01 -8.41
N ARG A 238 -2.68 -4.42 -7.11
CA ARG A 238 -3.34 -3.60 -6.08
C ARG A 238 -2.68 -2.24 -5.94
N SER A 239 -1.35 -2.22 -5.96
CA SER A 239 -0.61 -0.98 -5.85
C SER A 239 -0.78 -0.15 -7.13
N LEU A 240 -0.68 -0.79 -8.33
CA LEU A 240 -0.87 -0.10 -9.61
C LEU A 240 -2.26 0.56 -9.69
N TRP A 241 -3.30 -0.20 -9.33
CA TRP A 241 -4.66 0.33 -9.29
C TRP A 241 -4.72 1.58 -8.36
N GLN A 242 -4.15 1.48 -7.15
CA GLN A 242 -4.17 2.61 -6.25
C GLN A 242 -3.37 3.80 -6.79
N LEU A 243 -2.17 3.55 -7.29
CA LEU A 243 -1.36 4.67 -7.74
C LEU A 243 -2.06 5.39 -8.89
N LEU A 244 -2.55 4.65 -9.88
CA LEU A 244 -3.19 5.29 -11.02
C LEU A 244 -4.51 5.99 -10.65
N GLU A 245 -5.33 5.37 -9.80
CA GLU A 245 -6.56 6.01 -9.32
C GLU A 245 -6.26 7.26 -8.51
N SER A 246 -5.09 7.32 -7.87
CA SER A 246 -4.79 8.47 -7.00
C SER A 246 -4.19 9.70 -7.67
N ILE A 247 -3.74 9.55 -8.91
CA ILE A 247 -3.20 10.66 -9.72
C ILE A 247 -4.08 10.92 -10.92
N ASP A 248 -3.76 11.96 -11.69
CA ASP A 248 -4.46 12.17 -12.94
C ASP A 248 -3.80 11.31 -14.00
N ALA A 249 -4.15 10.04 -13.94
CA ALA A 249 -3.47 9.06 -14.78
C ALA A 249 -3.71 9.26 -16.28
N ARG A 250 -4.93 9.66 -16.63
CA ARG A 250 -5.32 9.81 -18.01
C ARG A 250 -4.53 10.93 -18.71
N GLN A 251 -4.00 11.86 -17.90
CA GLN A 251 -3.20 12.97 -18.41
C GLN A 251 -1.69 12.70 -18.43
N LEU A 252 -1.24 11.49 -18.02
CA LEU A 252 0.15 11.08 -18.20
C LEU A 252 0.52 11.02 -19.67
N GLY A 253 1.81 11.25 -19.95
CA GLY A 253 2.36 11.04 -21.28
C GLY A 253 2.61 9.58 -21.62
N ALA A 254 3.11 8.83 -20.66
CA ALA A 254 3.45 7.42 -20.88
C ALA A 254 3.75 6.73 -19.58
N ILE A 255 3.73 5.39 -19.63
CA ILE A 255 4.25 4.53 -18.57
C ILE A 255 5.43 3.79 -19.12
N CYS A 256 6.56 3.79 -18.40
CA CYS A 256 7.78 3.12 -18.87
C CYS A 256 8.28 2.16 -17.81
N LEU A 257 8.21 0.86 -18.08
CA LEU A 257 8.58 -0.14 -17.09
C LEU A 257 10.07 -0.41 -17.09
N GLY A 258 10.66 -0.34 -15.89
CA GLY A 258 11.93 -0.95 -15.57
C GLY A 258 11.75 -2.39 -15.23
N SER A 259 12.67 -2.91 -14.45
CA SER A 259 12.64 -4.33 -14.16
C SER A 259 11.66 -4.62 -13.00
N PHE A 260 11.13 -5.85 -13.05
CA PHE A 260 10.33 -6.43 -11.99
C PHE A 260 11.06 -7.73 -11.61
N THR A 261 11.99 -7.54 -10.65
CA THR A 261 12.99 -8.51 -10.23
C THR A 261 12.38 -9.42 -9.16
N ASP A 262 12.58 -10.73 -9.30
CA ASP A 262 12.12 -11.67 -8.29
C ASP A 262 10.65 -11.44 -7.92
N CYS A 263 9.83 -11.31 -8.95
CA CYS A 263 8.39 -11.14 -8.78
C CYS A 263 7.78 -12.42 -9.29
N PRO A 264 7.50 -13.35 -8.37
CA PRO A 264 7.12 -14.70 -8.78
C PRO A 264 5.72 -14.72 -9.38
N ARG A 265 5.64 -15.34 -10.55
CA ARG A 265 4.39 -15.50 -11.30
C ARG A 265 3.44 -16.52 -10.67
N LYS A 266 3.99 -17.62 -10.15
CA LYS A 266 3.21 -18.62 -9.39
C LYS A 266 1.92 -19.07 -10.07
N GLU A 267 2.00 -19.55 -11.32
CA GLU A 267 0.82 -20.10 -12.03
C GLU A 267 -0.23 -19.06 -12.45
N VAL A 268 -0.04 -17.78 -12.11
CA VAL A 268 -1.03 -16.76 -12.52
C VAL A 268 -1.24 -16.86 -14.03
N ALA A 269 -2.49 -16.78 -14.46
CA ALA A 269 -2.87 -17.09 -15.84
C ALA A 269 -2.49 -16.00 -16.83
N HIS A 270 -2.32 -14.78 -16.30
CA HIS A 270 -1.95 -13.62 -17.09
C HIS A 270 -0.51 -13.21 -16.79
N SER A 271 0.25 -12.84 -17.82
CA SER A 271 1.62 -12.38 -17.64
C SER A 271 1.62 -10.97 -17.06
N LEU A 272 2.77 -10.56 -16.57
CA LEU A 272 2.89 -9.21 -16.02
C LEU A 272 2.70 -8.19 -17.13
N GLU A 273 3.24 -8.48 -18.31
CA GLU A 273 3.06 -7.60 -19.47
C GLU A 273 1.58 -7.47 -19.81
N ARG A 274 0.83 -8.56 -19.70
CA ARG A 274 -0.61 -8.48 -19.97
C ARG A 274 -1.32 -7.60 -18.92
N ILE A 275 -0.96 -7.73 -17.66
CA ILE A 275 -1.62 -6.94 -16.63
C ILE A 275 -1.31 -5.46 -16.79
N PHE A 276 -0.02 -5.10 -16.92
CA PHE A 276 0.32 -3.69 -17.14
C PHE A 276 -0.28 -3.18 -18.45
N GLY A 277 -0.30 -3.99 -19.50
CA GLY A 277 -0.95 -3.61 -20.74
C GLY A 277 -2.41 -3.24 -20.59
N GLU A 278 -3.12 -3.98 -19.75
CA GLU A 278 -4.55 -3.79 -19.52
C GLU A 278 -4.76 -2.44 -18.82
N TYR A 279 -3.93 -2.17 -17.81
CA TYR A 279 -4.05 -0.91 -17.08
C TYR A 279 -3.70 0.28 -17.94
N ALA A 280 -2.61 0.18 -18.70
CA ALA A 280 -2.24 1.29 -19.59
C ALA A 280 -3.32 1.54 -20.65
N ALA A 281 -3.93 0.49 -21.15
CA ALA A 281 -4.99 0.64 -22.11
C ALA A 281 -6.20 1.33 -21.48
N ALA A 282 -6.47 1.04 -20.20
CA ALA A 282 -7.66 1.57 -19.52
C ALA A 282 -7.56 3.08 -19.31
N ILE A 283 -6.34 3.57 -19.11
CA ILE A 283 -6.12 5.03 -18.96
C ILE A 283 -5.70 5.70 -20.28
N GLU A 284 -5.57 4.92 -21.36
CA GLU A 284 -5.21 5.38 -22.69
C GLU A 284 -3.88 6.11 -22.74
N VAL A 285 -2.87 5.47 -22.16
CA VAL A 285 -1.53 5.98 -22.10
C VAL A 285 -0.59 4.92 -22.70
N PRO A 286 0.36 5.31 -23.55
CA PRO A 286 1.30 4.32 -24.10
C PRO A 286 2.20 3.68 -23.05
N LEU A 287 2.61 2.45 -23.35
CA LEU A 287 3.37 1.63 -22.43
C LEU A 287 4.66 1.17 -23.11
N TYR A 288 5.78 1.41 -22.44
CA TYR A 288 7.13 0.97 -22.81
C TYR A 288 7.65 0.04 -21.72
N HIS A 289 8.67 -0.77 -22.05
CA HIS A 289 9.32 -1.61 -21.06
C HIS A 289 10.80 -1.87 -21.41
N HIS A 290 11.46 -2.68 -20.58
CA HIS A 290 12.87 -2.97 -20.69
C HIS A 290 13.80 -1.79 -20.44
N LEU A 291 13.31 -0.76 -19.69
CA LEU A 291 14.23 0.27 -19.20
C LEU A 291 15.19 -0.39 -18.20
N PRO A 292 16.50 -0.19 -18.34
CA PRO A 292 17.47 -0.85 -17.45
C PRO A 292 17.60 -0.11 -16.11
N SER A 293 16.48 -0.11 -15.39
CA SER A 293 16.34 0.60 -14.10
C SER A 293 15.55 -0.28 -13.14
N GLY A 294 16.05 -0.38 -11.88
CA GLY A 294 15.42 -1.17 -10.82
C GLY A 294 16.35 -1.77 -9.78
N ALA A 295 15.91 -2.93 -9.29
CA ALA A 295 16.61 -3.63 -8.22
C ALA A 295 17.67 -4.67 -8.65
N GLY A 296 17.78 -4.94 -9.94
CA GLY A 296 18.73 -5.89 -10.37
C GLY A 296 20.06 -5.29 -10.73
N ALA A 297 20.77 -6.09 -11.53
CA ALA A 297 22.08 -5.73 -12.02
C ALA A 297 22.01 -4.45 -12.84
N GLN A 298 20.93 -4.31 -13.59
CA GLN A 298 20.73 -3.15 -14.44
C GLN A 298 19.97 -2.03 -13.72
N ASN A 299 20.71 -1.03 -13.24
CA ASN A 299 20.09 0.12 -12.54
C ASN A 299 20.80 1.38 -12.94
N ARG A 300 20.63 1.75 -14.20
CA ARG A 300 21.24 2.95 -14.70
C ARG A 300 20.53 4.22 -14.26
N ALA A 301 21.29 5.23 -13.88
CA ALA A 301 20.74 6.48 -13.37
C ALA A 301 19.96 7.23 -14.45
N TRP A 302 18.85 7.86 -14.04
CA TRP A 302 18.16 8.81 -14.87
C TRP A 302 17.78 10.07 -14.08
N PRO A 303 17.69 11.21 -14.75
CA PRO A 303 17.44 12.51 -14.09
C PRO A 303 15.97 12.69 -13.70
N TYR A 304 15.72 12.84 -12.42
CA TYR A 304 14.35 12.81 -11.89
C TYR A 304 13.72 14.18 -12.01
N GLY A 305 12.56 14.24 -12.66
CA GLY A 305 11.88 15.52 -12.84
C GLY A 305 12.33 16.30 -14.04
N LYS A 306 13.32 15.80 -14.78
CA LYS A 306 13.79 16.45 -15.99
C LYS A 306 12.90 16.08 -17.16
N THR A 307 12.66 17.01 -18.07
CA THR A 307 11.96 16.69 -19.33
C THR A 307 12.76 15.66 -20.17
N ALA A 308 12.06 14.63 -20.63
CA ALA A 308 12.66 13.59 -21.46
C ALA A 308 11.73 13.24 -22.63
N VAL A 309 12.32 12.56 -23.63
CA VAL A 309 11.63 12.13 -24.82
C VAL A 309 11.72 10.62 -24.97
N LEU A 310 10.56 10.01 -25.16
CA LEU A 310 10.42 8.60 -25.34
C LEU A 310 9.92 8.39 -26.80
N GLU A 311 10.68 7.64 -27.59
CA GLU A 311 10.49 7.54 -29.04
C GLU A 311 11.25 6.29 -29.50
N GLY A 312 10.58 5.41 -30.25
CA GLY A 312 11.21 4.19 -30.75
C GLY A 312 11.77 3.27 -29.69
N ASN A 313 13.07 3.05 -29.74
CA ASN A 313 13.75 2.21 -28.76
C ASN A 313 14.66 3.00 -27.78
N ARG A 314 14.42 4.31 -27.63
CA ARG A 314 15.21 5.14 -26.70
C ARG A 314 14.37 6.10 -25.82
N LEU A 315 14.86 6.30 -24.60
CA LEU A 315 14.46 7.40 -23.72
C LEU A 315 15.64 8.33 -23.69
N ARG A 316 15.42 9.60 -24.00
CA ARG A 316 16.51 10.59 -24.10
C ARG A 316 16.19 11.85 -23.30
N TRP A 317 17.23 12.53 -22.84
CA TRP A 317 17.07 13.79 -22.11
C TRP A 317 18.22 14.75 -22.37
N SER B 17 -25.85 -20.24 23.71
CA SER B 17 -24.50 -20.82 23.37
C SER B 17 -23.99 -20.23 22.05
N ASP B 18 -22.66 -20.03 21.96
CA ASP B 18 -22.09 -19.31 20.85
C ASP B 18 -21.76 -20.15 19.58
N GLN B 19 -21.87 -21.48 19.62
CA GLN B 19 -21.80 -22.28 18.37
C GLN B 19 -23.16 -22.40 17.68
N THR B 20 -24.20 -21.96 18.39
CA THR B 20 -25.57 -22.09 17.91
C THR B 20 -25.96 -20.95 16.99
N TRP B 21 -26.30 -21.32 15.76
CA TRP B 21 -26.78 -20.36 14.78
C TRP B 21 -28.19 -19.87 15.14
N GLN B 22 -28.54 -18.67 14.73
CA GLN B 22 -29.94 -18.21 14.71
C GLN B 22 -30.47 -18.43 13.29
N PRO B 23 -31.75 -18.73 13.15
CA PRO B 23 -32.31 -18.80 11.79
C PRO B 23 -32.09 -17.45 11.10
N ILE B 24 -31.81 -17.49 9.80
CA ILE B 24 -31.72 -16.25 9.05
C ILE B 24 -33.03 -16.07 8.33
N ASP B 25 -33.76 -15.01 8.70
CA ASP B 25 -35.03 -14.68 8.05
C ASP B 25 -34.77 -14.25 6.59
N GLY B 26 -35.59 -14.73 5.69
CA GLY B 26 -35.49 -14.41 4.29
C GLY B 26 -34.35 -15.19 3.64
N ARG B 27 -33.73 -14.56 2.67
CA ARG B 27 -32.75 -15.24 1.83
C ARG B 27 -31.41 -14.52 1.88
N VAL B 28 -30.31 -15.30 1.81
CA VAL B 28 -28.94 -14.72 1.80
C VAL B 28 -28.38 -14.74 0.38
N ALA B 29 -27.99 -13.58 -0.14
CA ALA B 29 -27.33 -13.54 -1.44
C ALA B 29 -25.87 -13.82 -1.23
N LEU B 30 -25.32 -14.73 -2.03
CA LEU B 30 -23.90 -15.05 -2.03
C LEU B 30 -23.26 -14.50 -3.28
N ILE B 31 -22.23 -13.71 -3.09
CA ILE B 31 -21.47 -13.08 -4.17
C ILE B 31 -19.98 -13.19 -3.93
N ALA B 32 -19.21 -13.06 -5.02
CA ALA B 32 -17.76 -13.17 -4.98
C ALA B 32 -17.14 -11.92 -5.61
N PRO B 33 -17.05 -10.83 -4.83
CA PRO B 33 -16.62 -9.53 -5.43
C PRO B 33 -15.11 -9.31 -5.50
N ALA B 34 -14.34 -10.27 -5.04
CA ALA B 34 -12.89 -10.16 -4.88
C ALA B 34 -12.21 -11.37 -5.54
N SER B 35 -11.56 -12.27 -4.79
CA SER B 35 -10.81 -13.41 -5.38
C SER B 35 -11.71 -14.55 -5.78
N ALA B 36 -11.25 -15.28 -6.80
CA ALA B 36 -11.88 -16.50 -7.32
C ALA B 36 -11.98 -17.61 -6.31
N ILE B 37 -12.97 -18.49 -6.49
CA ILE B 37 -13.30 -19.53 -5.53
C ILE B 37 -13.00 -20.92 -6.09
N ALA B 38 -12.39 -21.79 -5.28
CA ALA B 38 -12.20 -23.19 -5.65
C ALA B 38 -13.53 -23.93 -5.62
N THR B 39 -13.74 -24.77 -6.61
CA THR B 39 -15.04 -25.42 -6.80
C THR B 39 -15.46 -26.23 -5.59
N GLU B 40 -14.52 -27.02 -5.06
CA GLU B 40 -14.80 -27.89 -3.92
C GLU B 40 -15.11 -27.11 -2.62
N VAL B 41 -14.51 -25.92 -2.47
CA VAL B 41 -14.75 -25.09 -1.31
C VAL B 41 -16.14 -24.46 -1.44
N LEU B 42 -16.52 -24.05 -2.65
CA LEU B 42 -17.86 -23.52 -2.87
C LEU B 42 -18.93 -24.57 -2.54
N GLU B 43 -18.78 -25.78 -3.11
CA GLU B 43 -19.80 -26.80 -2.87
C GLU B 43 -19.88 -27.14 -1.37
N ALA B 44 -18.74 -27.19 -0.69
CA ALA B 44 -18.73 -27.49 0.73
C ALA B 44 -19.42 -26.38 1.52
N THR B 45 -19.21 -25.13 1.09
CA THR B 45 -19.92 -23.99 1.70
C THR B 45 -21.46 -24.09 1.59
N LEU B 46 -21.93 -24.41 0.39
CA LEU B 46 -23.35 -24.50 0.16
C LEU B 46 -23.94 -25.64 0.99
N ARG B 47 -23.21 -26.74 1.09
CA ARG B 47 -23.74 -27.86 1.88
C ARG B 47 -23.88 -27.44 3.36
N GLN B 48 -22.91 -26.69 3.89
CA GLN B 48 -23.01 -26.22 5.27
C GLN B 48 -24.15 -25.20 5.45
N LEU B 49 -24.37 -24.30 4.50
CA LEU B 49 -25.51 -23.41 4.60
C LEU B 49 -26.83 -24.18 4.65
N GLU B 50 -26.91 -25.26 3.87
CA GLU B 50 -28.10 -26.10 3.81
C GLU B 50 -28.34 -26.84 5.13
N VAL B 51 -27.27 -27.32 5.76
CA VAL B 51 -27.29 -27.95 7.10
C VAL B 51 -28.02 -27.03 8.06
N HIS B 52 -27.71 -25.75 7.93
CA HIS B 52 -28.25 -24.75 8.85
C HIS B 52 -29.61 -24.17 8.42
N GLY B 53 -30.20 -24.69 7.36
CA GLY B 53 -31.51 -24.21 6.89
C GLY B 53 -31.47 -22.79 6.34
N VAL B 54 -30.30 -22.37 5.87
CA VAL B 54 -30.17 -21.05 5.25
C VAL B 54 -30.58 -21.14 3.78
N ASP B 55 -31.60 -20.38 3.40
CA ASP B 55 -32.03 -20.25 2.02
C ASP B 55 -31.13 -19.20 1.40
N TYR B 56 -30.53 -19.54 0.26
CA TYR B 56 -29.59 -18.63 -0.42
C TYR B 56 -29.90 -18.44 -1.90
N HIS B 57 -29.35 -17.35 -2.41
CA HIS B 57 -29.30 -17.05 -3.80
C HIS B 57 -27.82 -17.02 -4.22
N LEU B 58 -27.43 -17.89 -5.16
CA LEU B 58 -26.04 -17.98 -5.58
C LEU B 58 -25.86 -17.04 -6.75
N GLY B 59 -24.91 -16.10 -6.68
CA GLY B 59 -24.68 -15.21 -7.79
C GLY B 59 -24.27 -15.98 -9.07
N ARG B 60 -24.68 -15.47 -10.22
CA ARG B 60 -24.52 -16.25 -11.47
C ARG B 60 -23.08 -16.31 -11.96
N HIS B 61 -22.22 -15.44 -11.45
CA HIS B 61 -20.81 -15.47 -11.83
C HIS B 61 -19.85 -15.87 -10.71
N VAL B 62 -20.34 -16.49 -9.66
CA VAL B 62 -19.47 -16.82 -8.54
C VAL B 62 -18.33 -17.77 -8.87
N GLU B 63 -18.44 -18.56 -9.95
CA GLU B 63 -17.37 -19.50 -10.36
C GLU B 63 -16.48 -18.96 -11.47
N ALA B 64 -16.69 -17.70 -11.84
CA ALA B 64 -15.87 -17.06 -12.86
C ALA B 64 -14.44 -16.86 -12.38
N ARG B 65 -13.50 -16.84 -13.33
CA ARG B 65 -12.11 -16.66 -13.04
C ARG B 65 -11.53 -15.72 -14.08
N TYR B 66 -10.77 -14.74 -13.62
CA TYR B 66 -10.07 -13.82 -14.47
C TYR B 66 -8.78 -13.54 -13.73
N ARG B 67 -7.68 -14.15 -14.17
CA ARG B 67 -6.53 -14.40 -13.32
C ARG B 67 -7.03 -14.84 -11.94
N TYR B 68 -6.56 -14.21 -10.85
CA TYR B 68 -6.93 -14.57 -9.48
C TYR B 68 -8.25 -13.93 -9.01
N LEU B 69 -8.84 -13.08 -9.84
CA LEU B 69 -10.13 -12.40 -9.52
C LEU B 69 -11.33 -13.28 -9.86
N ALA B 70 -12.44 -13.09 -9.16
CA ALA B 70 -13.67 -13.84 -9.42
C ALA B 70 -14.41 -13.24 -10.61
N GLY B 71 -13.80 -13.34 -11.78
CA GLY B 71 -14.39 -12.74 -12.98
C GLY B 71 -13.99 -11.29 -13.19
N THR B 72 -14.42 -10.74 -14.32
CA THR B 72 -14.17 -9.33 -14.63
C THR B 72 -14.94 -8.44 -13.65
N VAL B 73 -14.57 -7.16 -13.60
CA VAL B 73 -15.31 -6.17 -12.86
C VAL B 73 -16.78 -6.18 -13.26
N GLU B 74 -17.06 -6.28 -14.55
CA GLU B 74 -18.42 -6.25 -15.05
C GLU B 74 -19.22 -7.45 -14.52
N GLN B 75 -18.62 -8.65 -14.50
CA GLN B 75 -19.30 -9.82 -13.96
C GLN B 75 -19.63 -9.66 -12.46
N ARG B 76 -18.66 -9.17 -11.70
CA ARG B 76 -18.83 -9.00 -10.26
C ARG B 76 -19.88 -7.93 -9.95
N LEU B 77 -19.86 -6.85 -10.72
CA LEU B 77 -20.87 -5.81 -10.54
C LEU B 77 -22.27 -6.32 -10.84
N GLU B 78 -22.41 -7.15 -11.88
CA GLU B 78 -23.72 -7.72 -12.19
C GLU B 78 -24.26 -8.51 -11.01
N ASP B 79 -23.41 -9.36 -10.43
CA ASP B 79 -23.85 -10.15 -9.29
C ASP B 79 -24.21 -9.29 -8.06
N LEU B 80 -23.39 -8.28 -7.77
CA LEU B 80 -23.66 -7.42 -6.59
C LEU B 80 -24.99 -6.64 -6.80
N HIS B 81 -25.17 -6.07 -8.00
CA HIS B 81 -26.41 -5.34 -8.30
C HIS B 81 -27.62 -6.28 -8.21
N ASN B 82 -27.48 -7.50 -8.74
CA ASN B 82 -28.59 -8.46 -8.68
C ASN B 82 -28.98 -8.79 -7.25
N ALA B 83 -28.00 -8.84 -6.36
CA ALA B 83 -28.26 -9.09 -4.94
C ALA B 83 -29.12 -8.04 -4.29
N PHE B 84 -29.11 -6.84 -4.86
CA PHE B 84 -29.92 -5.72 -4.36
C PHE B 84 -31.25 -5.54 -5.11
N ASP B 85 -31.47 -6.30 -6.16
CA ASP B 85 -32.74 -6.24 -6.92
C ASP B 85 -33.82 -7.17 -6.37
N MET B 86 -33.39 -8.31 -5.85
CA MET B 86 -34.33 -9.34 -5.38
C MET B 86 -35.00 -8.92 -4.06
N PRO B 87 -36.33 -8.93 -3.95
CA PRO B 87 -36.99 -8.41 -2.74
C PRO B 87 -36.85 -9.26 -1.50
N ASP B 88 -36.56 -10.56 -1.63
CA ASP B 88 -36.55 -11.42 -0.46
C ASP B 88 -35.20 -11.50 0.22
N ILE B 89 -34.19 -10.82 -0.30
CA ILE B 89 -32.83 -10.87 0.25
C ILE B 89 -32.71 -10.00 1.49
N THR B 90 -32.19 -10.58 2.57
CA THR B 90 -32.05 -9.87 3.85
C THR B 90 -30.59 -9.76 4.28
N ALA B 91 -29.65 -10.35 3.52
CA ALA B 91 -28.23 -10.22 3.82
C ALA B 91 -27.45 -10.56 2.57
N VAL B 92 -26.30 -9.94 2.39
CA VAL B 92 -25.43 -10.21 1.23
C VAL B 92 -24.07 -10.64 1.78
N TRP B 93 -23.80 -11.94 1.72
CA TRP B 93 -22.65 -12.55 2.35
C TRP B 93 -21.58 -12.83 1.31
N CYS B 94 -20.46 -12.08 1.38
CA CYS B 94 -19.39 -12.23 0.43
C CYS B 94 -18.71 -13.58 0.66
N LEU B 95 -18.43 -14.30 -0.42
CA LEU B 95 -17.88 -15.66 -0.37
C LEU B 95 -16.40 -15.70 -0.01
N ARG B 96 -15.61 -14.79 -0.52
CA ARG B 96 -14.17 -14.74 -0.30
C ARG B 96 -13.66 -13.30 -0.38
N GLY B 97 -12.64 -13.00 0.41
CA GLY B 97 -11.93 -11.74 0.27
C GLY B 97 -10.73 -11.96 -0.65
N GLY B 98 -9.53 -11.74 -0.13
CA GLY B 98 -8.32 -11.82 -0.94
C GLY B 98 -7.95 -10.48 -1.53
N TYR B 99 -8.34 -10.27 -2.77
CA TYR B 99 -8.08 -9.00 -3.45
C TYR B 99 -9.13 -8.82 -4.53
N GLY B 100 -9.61 -7.59 -4.68
CA GLY B 100 -10.29 -7.16 -5.86
C GLY B 100 -11.58 -6.37 -5.72
N CYS B 101 -12.16 -6.29 -4.52
CA CYS B 101 -13.48 -5.63 -4.43
C CYS B 101 -13.43 -4.14 -4.58
N GLY B 102 -12.29 -3.51 -4.31
CA GLY B 102 -12.19 -2.08 -4.51
C GLY B 102 -12.35 -1.71 -5.97
N GLN B 103 -12.02 -2.65 -6.85
CA GLN B 103 -12.16 -2.46 -8.29
C GLN B 103 -13.61 -2.14 -8.69
N LEU B 104 -14.58 -2.56 -7.88
CA LEU B 104 -15.98 -2.38 -8.19
C LEU B 104 -16.47 -0.95 -7.88
N LEU B 105 -15.75 -0.20 -7.06
CA LEU B 105 -16.30 1.06 -6.55
C LEU B 105 -16.67 2.06 -7.63
N PRO B 106 -15.92 2.17 -8.72
CA PRO B 106 -16.33 3.10 -9.78
C PRO B 106 -17.52 2.66 -10.62
N GLY B 107 -18.10 1.48 -10.36
CA GLY B 107 -19.19 0.92 -11.13
C GLY B 107 -20.47 0.73 -10.36
N LEU B 108 -20.46 0.99 -9.05
CA LEU B 108 -21.61 0.68 -8.22
C LEU B 108 -22.72 1.73 -8.35
N ASP B 109 -23.96 1.27 -8.50
CA ASP B 109 -25.12 2.13 -8.61
C ASP B 109 -25.66 2.33 -7.20
N TRP B 110 -25.13 3.33 -6.51
CA TRP B 110 -25.46 3.57 -5.10
C TRP B 110 -26.96 3.81 -4.87
N GLY B 111 -27.61 4.51 -5.79
CA GLY B 111 -29.04 4.76 -5.68
C GLY B 111 -29.85 3.49 -5.66
N ARG B 112 -29.48 2.54 -6.51
CA ARG B 112 -30.19 1.26 -6.54
C ARG B 112 -30.00 0.48 -5.25
N LEU B 113 -28.85 0.70 -4.61
CA LEU B 113 -28.62 0.14 -3.29
C LEU B 113 -29.36 0.86 -2.13
N GLU B 114 -29.57 2.16 -2.08
CA GLU B 114 -30.27 2.78 -0.96
C GLU B 114 -31.79 2.47 -0.98
N ALA B 115 -32.25 2.21 -2.23
CA ALA B 115 -33.67 1.94 -2.49
C ALA B 115 -34.13 0.52 -2.12
N ALA B 116 -33.18 -0.43 -2.03
CA ALA B 116 -33.53 -1.79 -1.67
C ALA B 116 -33.76 -1.88 -0.16
N SER B 117 -34.61 -2.83 0.26
CA SER B 117 -34.83 -3.03 1.69
C SER B 117 -33.52 -3.43 2.36
N PRO B 118 -33.35 -3.12 3.63
CA PRO B 118 -32.05 -3.34 4.27
C PRO B 118 -31.53 -4.79 4.16
N ARG B 119 -30.25 -4.95 3.80
CA ARG B 119 -29.63 -6.25 3.65
C ARG B 119 -28.14 -6.07 3.91
N PRO B 120 -27.72 -6.25 5.16
CA PRO B 120 -26.32 -6.01 5.48
C PRO B 120 -25.34 -6.81 4.62
N LEU B 121 -24.30 -6.12 4.20
CA LEU B 121 -23.17 -6.69 3.50
C LEU B 121 -22.18 -7.26 4.51
N ILE B 122 -21.73 -8.51 4.31
CA ILE B 122 -20.92 -9.26 5.28
C ILE B 122 -19.60 -9.74 4.67
N GLY B 123 -18.51 -9.43 5.36
CA GLY B 123 -17.22 -9.99 5.04
C GLY B 123 -16.11 -9.32 5.83
N PHE B 124 -14.88 -9.68 5.52
CA PHE B 124 -13.70 -9.07 6.18
C PHE B 124 -12.53 -9.13 5.18
N SER B 125 -11.36 -8.83 5.69
CA SER B 125 -10.24 -8.90 4.78
C SER B 125 -10.44 -7.82 3.77
N ASP B 126 -10.19 -8.12 2.48
CA ASP B 126 -10.37 -7.21 1.38
C ASP B 126 -11.76 -6.57 1.36
N ILE B 127 -12.75 -7.31 1.84
CA ILE B 127 -14.13 -6.83 1.86
C ILE B 127 -14.27 -5.56 2.73
N SER B 128 -13.36 -5.35 3.68
CA SER B 128 -13.31 -4.11 4.45
C SER B 128 -13.50 -2.86 3.58
N VAL B 129 -12.94 -2.88 2.38
CA VAL B 129 -13.05 -1.74 1.46
C VAL B 129 -14.53 -1.49 1.12
N LEU B 130 -15.27 -2.55 0.81
CA LEU B 130 -16.71 -2.39 0.57
C LEU B 130 -17.48 -2.04 1.83
N LEU B 131 -17.10 -2.55 3.00
CA LEU B 131 -17.81 -2.17 4.23
C LEU B 131 -17.76 -0.65 4.43
N SER B 132 -16.56 -0.11 4.28
CA SER B 132 -16.33 1.34 4.44
C SER B 132 -17.17 2.13 3.43
N ALA B 133 -17.18 1.71 2.17
CA ALA B 133 -17.93 2.41 1.14
C ALA B 133 -19.43 2.36 1.44
N PHE B 134 -19.87 1.23 1.95
CA PHE B 134 -21.28 1.09 2.33
C PHE B 134 -21.64 2.05 3.46
N HIS B 135 -20.78 2.11 4.49
CA HIS B 135 -21.00 3.06 5.61
C HIS B 135 -21.08 4.50 5.10
N ARG B 136 -20.17 4.87 4.18
CA ARG B 136 -20.21 6.22 3.60
C ARG B 136 -21.57 6.55 2.95
N HIS B 137 -22.21 5.53 2.37
CA HIS B 137 -23.47 5.66 1.65
C HIS B 137 -24.69 5.27 2.51
N GLY B 138 -24.51 5.14 3.82
CA GLY B 138 -25.56 4.87 4.78
C GLY B 138 -26.15 3.49 4.63
N LEU B 139 -25.36 2.52 4.17
CA LEU B 139 -25.84 1.17 4.00
C LEU B 139 -25.37 0.26 5.11
N PRO B 140 -26.26 -0.65 5.49
CA PRO B 140 -25.97 -1.70 6.52
C PRO B 140 -24.77 -2.56 6.19
N ALA B 141 -24.00 -3.03 7.18
CA ALA B 141 -22.84 -3.87 6.87
C ALA B 141 -22.37 -4.54 8.14
N ILE B 142 -21.76 -5.72 7.97
CA ILE B 142 -21.24 -6.46 9.09
C ILE B 142 -19.81 -6.94 8.83
N HIS B 143 -18.95 -6.73 9.80
CA HIS B 143 -17.57 -7.20 9.73
C HIS B 143 -17.60 -8.61 10.32
N GLY B 144 -17.32 -9.60 9.49
CA GLY B 144 -17.34 -10.96 9.98
C GLY B 144 -16.73 -11.92 8.99
N PRO B 145 -16.61 -13.19 9.26
CA PRO B 145 -16.16 -14.22 8.32
C PRO B 145 -16.83 -14.11 6.97
N VAL B 146 -16.05 -14.42 5.92
CA VAL B 146 -16.57 -14.65 4.58
C VAL B 146 -17.21 -16.05 4.55
N ALA B 147 -18.16 -16.26 3.63
CA ALA B 147 -18.95 -17.48 3.66
C ALA B 147 -18.16 -18.77 3.34
N THR B 148 -17.10 -18.70 2.53
CA THR B 148 -16.29 -19.91 2.32
C THR B 148 -15.53 -20.37 3.53
N GLY B 149 -15.52 -19.59 4.60
CA GLY B 149 -15.03 -20.06 5.89
C GLY B 149 -15.76 -21.31 6.34
N LEU B 150 -16.98 -21.48 5.86
CA LEU B 150 -17.79 -22.67 6.12
C LEU B 150 -17.29 -23.93 5.44
N GLY B 151 -16.53 -23.79 4.35
CA GLY B 151 -16.15 -24.91 3.49
C GLY B 151 -14.67 -25.33 3.56
N LEU B 152 -13.97 -24.89 4.59
CA LEU B 152 -12.55 -25.17 4.75
C LEU B 152 -12.32 -26.53 5.44
N GLU B 160 -9.47 -24.55 18.81
CA GLU B 160 -9.40 -23.59 17.71
C GLU B 160 -10.49 -23.83 16.67
N GLN B 161 -10.78 -25.08 16.32
CA GLN B 161 -11.91 -25.38 15.46
C GLN B 161 -13.23 -24.92 16.10
N GLN B 162 -13.34 -25.01 17.42
CA GLN B 162 -14.50 -24.50 18.16
C GLN B 162 -14.63 -22.98 18.06
N GLU B 163 -13.51 -22.28 18.19
CA GLU B 163 -13.50 -20.83 17.98
C GLU B 163 -13.92 -20.47 16.55
N ARG B 164 -13.46 -21.24 15.56
CA ARG B 164 -13.81 -21.00 14.18
C ARG B 164 -15.33 -21.16 13.99
N LEU B 165 -15.87 -22.24 14.55
CA LEU B 165 -17.30 -22.49 14.47
C LEU B 165 -18.13 -21.39 15.17
N ALA B 166 -17.67 -20.87 16.30
CA ALA B 166 -18.39 -19.79 16.98
C ALA B 166 -18.35 -18.51 16.14
N SER B 167 -17.19 -18.28 15.51
CA SER B 167 -17.04 -17.12 14.62
C SER B 167 -18.01 -17.20 13.45
N LEU B 168 -18.11 -18.38 12.82
CA LEU B 168 -19.07 -18.52 11.73
C LEU B 168 -20.53 -18.35 12.18
N ALA B 169 -20.86 -18.89 13.35
CA ALA B 169 -22.18 -18.77 13.91
C ALA B 169 -22.52 -17.32 14.25
N SER B 170 -21.50 -16.50 14.54
CA SER B 170 -21.72 -15.13 14.99
C SER B 170 -22.41 -14.24 13.96
N VAL B 171 -22.31 -14.60 12.69
CA VAL B 171 -22.94 -13.85 11.62
C VAL B 171 -24.46 -13.93 11.74
N SER B 172 -25.00 -15.14 11.73
CA SER B 172 -26.46 -15.30 11.88
C SER B 172 -26.96 -14.66 13.19
N ARG B 173 -26.15 -14.76 14.25
CA ARG B 173 -26.55 -14.24 15.55
C ARG B 173 -26.59 -12.71 15.55
N LEU B 174 -25.68 -12.08 14.83
CA LEU B 174 -25.70 -10.62 14.74
C LEU B 174 -26.85 -10.12 13.84
N LEU B 175 -27.10 -10.84 12.74
CA LEU B 175 -28.20 -10.50 11.85
C LEU B 175 -29.54 -10.51 12.59
N ALA B 176 -29.65 -11.39 13.58
CA ALA B 176 -30.85 -11.51 14.40
C ALA B 176 -30.87 -10.52 15.56
N GLY B 177 -29.73 -9.89 15.82
CA GLY B 177 -29.61 -8.88 16.89
C GLY B 177 -29.43 -9.42 18.29
N ILE B 178 -29.02 -10.68 18.44
CA ILE B 178 -28.87 -11.30 19.74
C ILE B 178 -27.48 -11.26 20.41
N ASP B 179 -26.46 -10.79 19.69
CA ASP B 179 -25.14 -10.48 20.26
C ASP B 179 -24.91 -8.97 20.13
N HIS B 180 -24.37 -8.33 21.19
CA HIS B 180 -24.15 -6.88 21.14
C HIS B 180 -22.87 -6.44 21.88
N GLU B 181 -21.91 -7.33 22.10
CA GLU B 181 -20.66 -6.93 22.73
C GLU B 181 -19.53 -7.92 22.43
N LEU B 182 -18.29 -7.42 22.51
CA LEU B 182 -17.06 -8.23 22.46
C LEU B 182 -16.09 -7.77 23.52
N PRO B 183 -15.29 -8.69 24.04
CA PRO B 183 -14.26 -8.30 25.00
C PRO B 183 -13.10 -7.57 24.33
N VAL B 184 -12.51 -6.62 25.04
CA VAL B 184 -11.36 -5.81 24.57
C VAL B 184 -10.59 -5.30 25.79
N GLN B 185 -9.29 -5.08 25.62
CA GLN B 185 -8.41 -4.55 26.67
C GLN B 185 -7.85 -3.18 26.27
N HIS B 186 -7.77 -2.24 27.21
CA HIS B 186 -7.17 -0.93 26.97
C HIS B 186 -5.67 -1.08 27.17
N LEU B 187 -4.88 -0.66 26.18
CA LEU B 187 -3.40 -0.73 26.26
C LEU B 187 -2.81 0.60 26.73
N GLY B 188 -2.28 0.63 27.95
CA GLY B 188 -1.77 1.87 28.54
C GLY B 188 -2.84 2.92 28.78
N GLY B 189 -2.44 4.20 28.78
CA GLY B 189 -3.37 5.30 28.89
C GLY B 189 -3.99 5.43 30.28
N HIS B 190 -5.27 5.82 30.30
CA HIS B 190 -6.05 5.92 31.52
C HIS B 190 -7.49 5.45 31.25
N LYS B 191 -8.24 5.17 32.32
CA LYS B 191 -9.64 4.73 32.18
C LYS B 191 -10.40 5.80 31.44
N GLN B 192 -11.13 5.41 30.41
CA GLN B 192 -12.07 6.35 29.81
C GLN B 192 -13.17 5.63 29.06
N ARG B 193 -14.16 6.41 28.64
CA ARG B 193 -15.29 5.89 27.89
C ARG B 193 -15.21 6.51 26.52
N VAL B 194 -15.17 5.70 25.47
CA VAL B 194 -15.13 6.21 24.10
C VAL B 194 -16.36 5.73 23.34
N GLU B 195 -17.09 6.64 22.71
CA GLU B 195 -18.28 6.33 21.95
C GLU B 195 -18.16 6.89 20.52
N GLY B 196 -18.38 6.04 19.53
CA GLY B 196 -18.35 6.48 18.15
C GLY B 196 -18.63 5.35 17.18
N ALA B 197 -18.65 5.69 15.90
CA ALA B 197 -18.92 4.68 14.85
C ALA B 197 -17.78 3.65 14.74
N LEU B 198 -18.13 2.37 14.60
CA LEU B 198 -17.17 1.29 14.36
C LEU B 198 -16.77 1.25 12.91
N ILE B 199 -15.49 1.41 12.64
CA ILE B 199 -14.96 1.43 11.28
C ILE B 199 -13.70 0.59 11.23
N GLY B 200 -13.21 0.33 10.02
CA GLY B 200 -11.92 -0.31 9.83
C GLY B 200 -11.98 -1.71 9.27
N GLY B 201 -11.16 -2.60 9.84
CA GLY B 201 -10.94 -3.96 9.32
C GLY B 201 -9.48 -4.16 8.97
N ASN B 202 -9.22 -4.63 7.77
CA ASN B 202 -7.88 -5.05 7.40
C ASN B 202 -7.01 -3.84 7.07
N LEU B 203 -5.90 -3.69 7.80
CA LEU B 203 -5.04 -2.53 7.70
C LEU B 203 -4.49 -2.37 6.26
N THR B 204 -3.94 -3.46 5.72
CA THR B 204 -3.31 -3.43 4.39
C THR B 204 -4.33 -3.06 3.33
N ALA B 205 -5.49 -3.70 3.35
CA ALA B 205 -6.50 -3.45 2.32
C ALA B 205 -6.95 -2.00 2.33
N LEU B 206 -7.13 -1.45 3.52
CA LEU B 206 -7.65 -0.09 3.66
C LEU B 206 -6.57 0.91 3.26
N ALA B 207 -5.34 0.70 3.71
CA ALA B 207 -4.24 1.58 3.30
C ALA B 207 -4.08 1.61 1.79
N CYS B 208 -4.35 0.48 1.15
CA CYS B 208 -4.21 0.32 -0.30
C CYS B 208 -5.35 1.01 -1.06
N MET B 209 -6.29 1.61 -0.36
CA MET B 209 -7.32 2.49 -0.94
C MET B 209 -7.13 3.96 -0.66
N ALA B 210 -6.16 4.31 0.17
CA ALA B 210 -5.91 5.72 0.46
C ALA B 210 -5.62 6.49 -0.81
N GLY B 211 -6.12 7.70 -0.91
CA GLY B 211 -5.95 8.51 -2.09
C GLY B 211 -6.88 8.21 -3.25
N THR B 212 -7.77 7.25 -3.06
CA THR B 212 -8.77 6.86 -4.07
C THR B 212 -10.18 7.09 -3.58
N LEU B 213 -11.14 6.85 -4.48
CA LEU B 213 -12.55 7.02 -4.14
C LEU B 213 -12.98 6.06 -3.05
N GLY B 214 -12.19 5.02 -2.79
CA GLY B 214 -12.50 4.05 -1.76
C GLY B 214 -11.74 4.21 -0.47
N GLY B 215 -11.14 5.37 -0.26
CA GLY B 215 -10.50 5.64 1.02
C GLY B 215 -11.46 5.46 2.18
N LEU B 216 -10.90 5.01 3.31
CA LEU B 216 -11.69 4.76 4.53
C LEU B 216 -12.56 5.94 4.93
N HIS B 217 -13.83 5.64 5.19
CA HIS B 217 -14.76 6.61 5.77
C HIS B 217 -14.53 6.66 7.26
N ALA B 218 -14.08 7.83 7.76
CA ALA B 218 -13.64 7.99 9.17
C ALA B 218 -14.18 9.25 9.84
N PRO B 219 -15.48 9.25 10.14
CA PRO B 219 -16.07 10.42 10.81
C PRO B 219 -15.45 10.65 12.18
N ALA B 220 -15.52 11.89 12.64
CA ALA B 220 -15.00 12.24 13.92
C ALA B 220 -15.55 11.38 15.00
N GLY B 221 -14.69 11.01 15.93
CA GLY B 221 -15.07 10.20 17.05
C GLY B 221 -15.09 8.70 16.85
N SER B 222 -14.77 8.23 15.63
CA SER B 222 -14.90 6.83 15.27
C SER B 222 -13.92 5.95 16.04
N ILE B 223 -14.31 4.70 16.22
CA ILE B 223 -13.44 3.66 16.77
C ILE B 223 -12.90 2.87 15.59
N LEU B 224 -11.59 3.10 15.33
CA LEU B 224 -10.89 2.44 14.23
C LEU B 224 -10.30 1.08 14.59
N VAL B 225 -10.90 0.03 14.03
CA VAL B 225 -10.45 -1.32 14.25
C VAL B 225 -9.41 -1.68 13.17
N LEU B 226 -8.26 -2.20 13.61
CA LEU B 226 -7.21 -2.59 12.67
C LEU B 226 -6.75 -4.02 12.95
N GLU B 227 -6.54 -4.77 11.87
CA GLU B 227 -6.12 -6.14 11.92
C GLU B 227 -5.39 -6.51 10.65
N ASP B 228 -4.63 -7.60 10.65
CA ASP B 228 -3.93 -7.96 9.41
C ASP B 228 -3.35 -9.40 9.51
N VAL B 229 -2.70 -9.85 8.45
CA VAL B 229 -2.17 -11.20 8.32
C VAL B 229 -1.02 -11.22 7.34
N GLY B 230 -0.08 -12.12 7.54
CA GLY B 230 1.06 -12.32 6.65
C GLY B 230 1.85 -11.10 6.19
N GLU B 231 2.23 -10.24 7.14
CA GLU B 231 3.05 -9.09 6.87
C GLU B 231 4.25 -9.07 7.85
N PRO B 232 5.41 -8.60 7.37
CA PRO B 232 6.49 -8.18 8.25
C PRO B 232 6.17 -6.82 8.90
N TYR B 233 6.81 -6.49 9.99
CA TYR B 233 6.40 -5.32 10.77
C TYR B 233 6.61 -4.00 9.98
N TYR B 234 7.66 -3.89 9.17
CA TYR B 234 7.87 -2.64 8.43
C TYR B 234 6.72 -2.38 7.46
N ARG B 235 6.13 -3.42 6.89
CA ARG B 235 5.02 -3.23 5.97
C ARG B 235 3.74 -2.80 6.74
N LEU B 236 3.58 -3.28 7.97
CA LEU B 236 2.45 -2.86 8.80
C LEU B 236 2.62 -1.40 9.19
N GLU B 237 3.85 -1.01 9.57
CA GLU B 237 4.06 0.41 9.95
C GLU B 237 3.80 1.32 8.71
N ARG B 238 4.38 0.93 7.56
CA ARG B 238 4.24 1.69 6.28
C ARG B 238 2.76 1.93 5.95
N SER B 239 1.93 0.91 6.10
CA SER B 239 0.51 1.05 5.84
C SER B 239 -0.17 1.95 6.90
N LEU B 240 0.15 1.72 8.21
CA LEU B 240 -0.44 2.52 9.32
C LEU B 240 -0.14 3.99 9.15
N TRP B 241 1.10 4.29 8.82
CA TRP B 241 1.50 5.66 8.60
C TRP B 241 0.61 6.23 7.51
N GLN B 242 0.54 5.53 6.38
CA GLN B 242 -0.29 5.97 5.27
C GLN B 242 -1.77 6.12 5.65
N LEU B 243 -2.37 5.14 6.35
CA LEU B 243 -3.77 5.23 6.72
C LEU B 243 -4.01 6.42 7.64
N LEU B 244 -3.19 6.59 8.67
CA LEU B 244 -3.41 7.69 9.62
C LEU B 244 -3.15 9.05 9.00
N GLU B 245 -2.16 9.17 8.12
CA GLU B 245 -1.89 10.41 7.40
C GLU B 245 -3.02 10.79 6.43
N SER B 246 -3.83 9.83 6.02
CA SER B 246 -4.83 10.03 4.97
C SER B 246 -6.22 10.37 5.50
N ILE B 247 -6.40 10.21 6.82
CA ILE B 247 -7.67 10.54 7.48
C ILE B 247 -7.45 11.58 8.58
N ASP B 248 -8.55 12.02 9.19
CA ASP B 248 -8.43 12.99 10.28
C ASP B 248 -8.18 12.22 11.57
N ALA B 249 -6.95 11.72 11.71
CA ALA B 249 -6.61 10.75 12.74
C ALA B 249 -6.77 11.29 14.15
N ARG B 250 -6.44 12.58 14.31
CA ARG B 250 -6.49 13.21 15.63
C ARG B 250 -7.91 13.30 16.18
N GLN B 251 -8.92 13.19 15.31
CA GLN B 251 -10.32 13.25 15.70
C GLN B 251 -10.93 11.89 15.95
N LEU B 252 -10.15 10.80 15.78
CA LEU B 252 -10.67 9.50 16.14
C LEU B 252 -10.96 9.41 17.61
N GLY B 253 -11.91 8.55 17.96
CA GLY B 253 -12.16 8.24 19.37
C GLY B 253 -11.15 7.27 19.94
N ALA B 254 -10.80 6.26 19.14
CA ALA B 254 -9.90 5.21 19.59
C ALA B 254 -9.34 4.42 18.41
N ILE B 255 -8.21 3.76 18.62
CA ILE B 255 -7.76 2.65 17.75
C ILE B 255 -7.90 1.37 18.55
N CYS B 256 -8.48 0.35 17.91
CA CYS B 256 -8.82 -0.92 18.56
C CYS B 256 -8.26 -2.06 17.74
N LEU B 257 -7.22 -2.70 18.24
CA LEU B 257 -6.55 -3.78 17.51
C LEU B 257 -7.27 -5.11 17.68
N GLY B 258 -7.59 -5.76 16.55
CA GLY B 258 -7.82 -7.19 16.52
C GLY B 258 -6.52 -7.91 16.36
N SER B 259 -6.57 -9.09 15.76
CA SER B 259 -5.38 -9.94 15.67
C SER B 259 -4.47 -9.59 14.49
N PHE B 260 -3.16 -9.85 14.68
CA PHE B 260 -2.15 -9.74 13.67
C PHE B 260 -1.49 -11.10 13.58
N THR B 261 -1.99 -11.92 12.66
CA THR B 261 -1.60 -13.33 12.62
C THR B 261 -0.64 -13.60 11.48
N ASP B 262 0.27 -14.55 11.70
CA ASP B 262 1.26 -14.88 10.68
C ASP B 262 2.04 -13.65 10.22
N CYS B 263 2.36 -12.75 11.16
CA CYS B 263 3.11 -11.53 10.85
C CYS B 263 4.51 -11.69 11.47
N PRO B 264 5.47 -12.12 10.65
CA PRO B 264 6.78 -12.51 11.19
C PRO B 264 7.57 -11.32 11.73
N ARG B 265 7.99 -11.42 12.99
CA ARG B 265 8.78 -10.38 13.63
C ARG B 265 10.23 -10.30 13.11
N LYS B 266 10.87 -11.40 12.67
CA LYS B 266 12.19 -11.32 12.01
C LYS B 266 13.28 -10.44 12.70
N GLU B 267 13.50 -10.66 13.99
CA GLU B 267 14.55 -9.95 14.75
C GLU B 267 14.26 -8.48 15.02
N VAL B 268 13.07 -7.99 14.66
CA VAL B 268 12.78 -6.56 14.84
C VAL B 268 12.81 -6.21 16.34
N ALA B 269 13.42 -5.08 16.69
CA ALA B 269 13.69 -4.74 18.10
C ALA B 269 12.46 -4.34 18.91
N HIS B 270 11.44 -3.84 18.22
CA HIS B 270 10.20 -3.35 18.84
C HIS B 270 9.07 -4.31 18.54
N SER B 271 8.23 -4.57 19.53
CA SER B 271 7.05 -5.35 19.32
C SER B 271 6.05 -4.54 18.49
N LEU B 272 5.12 -5.27 17.91
CA LEU B 272 4.11 -4.66 17.11
C LEU B 272 3.28 -3.68 17.94
N GLU B 273 2.98 -4.03 19.19
CA GLU B 273 2.22 -3.16 20.07
C GLU B 273 2.99 -1.91 20.48
N ARG B 274 4.31 -2.00 20.61
CA ARG B 274 5.12 -0.81 20.81
C ARG B 274 5.03 0.14 19.64
N ILE B 275 5.10 -0.40 18.42
CA ILE B 275 4.99 0.41 17.21
C ILE B 275 3.61 1.06 17.14
N PHE B 276 2.54 0.29 17.29
CA PHE B 276 1.19 0.85 17.21
C PHE B 276 0.99 1.89 18.34
N GLY B 277 1.59 1.64 19.51
CA GLY B 277 1.44 2.55 20.65
C GLY B 277 2.08 3.91 20.40
N GLU B 278 3.19 3.89 19.68
CA GLU B 278 3.88 5.13 19.33
C GLU B 278 3.00 5.97 18.40
N TYR B 279 2.33 5.31 17.45
CA TYR B 279 1.42 6.03 16.55
C TYR B 279 0.19 6.58 17.29
N ALA B 280 -0.41 5.80 18.16
CA ALA B 280 -1.58 6.25 18.91
C ALA B 280 -1.21 7.42 19.81
N ALA B 281 -0.01 7.37 20.38
CA ALA B 281 0.46 8.48 21.24
C ALA B 281 0.68 9.73 20.46
N ALA B 282 1.20 9.59 19.25
CA ALA B 282 1.45 10.74 18.38
C ALA B 282 0.19 11.52 18.01
N ILE B 283 -0.93 10.81 17.86
CA ILE B 283 -2.20 11.44 17.50
C ILE B 283 -3.12 11.66 18.71
N GLU B 284 -2.63 11.30 19.90
CA GLU B 284 -3.31 11.49 21.17
C GLU B 284 -4.68 10.83 21.19
N VAL B 285 -4.70 9.58 20.73
CA VAL B 285 -5.91 8.75 20.74
C VAL B 285 -5.61 7.50 21.57
N PRO B 286 -6.55 7.03 22.40
CA PRO B 286 -6.31 5.79 23.15
C PRO B 286 -6.27 4.55 22.27
N LEU B 287 -5.53 3.56 22.75
CA LEU B 287 -5.25 2.31 22.06
C LEU B 287 -5.77 1.14 22.86
N TYR B 288 -6.57 0.29 22.19
CA TYR B 288 -7.13 -0.91 22.72
C TYR B 288 -6.61 -2.10 21.89
N HIS B 289 -6.73 -3.31 22.41
CA HIS B 289 -6.21 -4.49 21.72
C HIS B 289 -6.90 -5.76 22.20
N HIS B 290 -6.58 -6.87 21.56
CA HIS B 290 -7.15 -8.19 21.83
C HIS B 290 -8.62 -8.30 21.50
N LEU B 291 -9.14 -7.43 20.62
CA LEU B 291 -10.49 -7.66 20.05
C LEU B 291 -10.44 -8.98 19.24
N PRO B 292 -11.41 -9.88 19.46
CA PRO B 292 -11.39 -11.18 18.77
C PRO B 292 -11.93 -11.09 17.36
N SER B 293 -11.13 -10.46 16.49
CA SER B 293 -11.51 -10.12 15.14
C SER B 293 -10.28 -10.14 14.29
N GLY B 294 -10.42 -10.81 13.15
CA GLY B 294 -9.30 -10.91 12.23
C GLY B 294 -9.26 -12.26 11.48
N ALA B 295 -8.05 -12.59 11.02
CA ALA B 295 -7.78 -13.78 10.22
C ALA B 295 -7.55 -15.06 10.99
N GLY B 296 -7.48 -14.97 12.31
CA GLY B 296 -7.26 -16.20 13.08
C GLY B 296 -8.56 -16.95 13.36
N ALA B 297 -8.51 -17.90 14.30
CA ALA B 297 -9.66 -18.69 14.69
C ALA B 297 -10.75 -17.77 15.23
N GLN B 298 -10.35 -16.72 15.96
CA GLN B 298 -11.31 -15.77 16.54
C GLN B 298 -11.60 -14.65 15.58
N ASN B 299 -12.77 -14.69 14.98
CA ASN B 299 -13.22 -13.67 14.01
C ASN B 299 -14.71 -13.44 14.21
N ARG B 300 -15.06 -12.85 15.36
CA ARG B 300 -16.43 -12.59 15.77
C ARG B 300 -16.97 -11.36 15.05
N ALA B 301 -18.16 -11.47 14.51
CA ALA B 301 -18.82 -10.39 13.77
C ALA B 301 -19.09 -9.17 14.62
N TRP B 302 -18.96 -8.01 14.01
CA TRP B 302 -19.36 -6.75 14.63
C TRP B 302 -20.01 -5.84 13.59
N PRO B 303 -20.95 -5.00 14.00
CA PRO B 303 -21.74 -4.19 13.07
C PRO B 303 -20.94 -2.98 12.60
N TYR B 304 -20.76 -2.92 11.30
CA TYR B 304 -19.91 -1.93 10.69
C TYR B 304 -20.66 -0.62 10.49
N GLY B 305 -20.10 0.45 11.03
CA GLY B 305 -20.71 1.79 10.92
C GLY B 305 -21.69 2.18 11.99
N LYS B 306 -21.97 1.31 12.94
CA LYS B 306 -22.88 1.70 14.06
C LYS B 306 -22.14 2.37 15.23
N THR B 307 -22.83 3.06 16.10
CA THR B 307 -22.26 3.70 17.27
C THR B 307 -22.01 2.54 18.25
N ALA B 308 -20.84 2.52 18.86
CA ALA B 308 -20.53 1.59 19.93
C ALA B 308 -19.76 2.33 21.02
N VAL B 309 -19.62 1.67 22.16
CA VAL B 309 -18.96 2.28 23.30
C VAL B 309 -17.84 1.36 23.76
N LEU B 310 -16.65 1.93 23.93
CA LEU B 310 -15.59 1.27 24.68
C LEU B 310 -15.73 1.67 26.15
N GLU B 311 -16.12 0.67 26.95
CA GLU B 311 -16.33 0.88 28.39
C GLU B 311 -15.79 -0.32 29.12
N GLY B 312 -15.10 -0.09 30.23
CA GLY B 312 -14.59 -1.20 31.02
C GLY B 312 -13.77 -2.18 30.21
N ASN B 313 -14.19 -3.45 30.17
CA ASN B 313 -13.46 -4.53 29.48
C ASN B 313 -14.12 -4.97 28.14
N ARG B 314 -14.96 -4.12 27.57
CA ARG B 314 -15.73 -4.51 26.37
C ARG B 314 -15.96 -3.36 25.39
N LEU B 315 -16.32 -3.79 24.19
CA LEU B 315 -16.84 -3.01 23.13
C LEU B 315 -18.33 -3.38 23.05
N ARG B 316 -19.22 -2.39 23.20
CA ARG B 316 -20.65 -2.67 23.28
C ARG B 316 -21.44 -1.83 22.31
N TRP B 317 -22.37 -2.44 21.58
CA TRP B 317 -23.27 -1.72 20.69
C TRP B 317 -24.72 -1.99 21.09
#